data_1MOR
#
_entry.id   1MOR
#
_cell.length_a   146.100
_cell.length_b   146.100
_cell.length_c   173.900
_cell.angle_alpha   90.00
_cell.angle_beta   90.00
_cell.angle_gamma   120.00
#
_symmetry.space_group_name_H-M   'H 3 2'
#
loop_
_entity.id
_entity.type
_entity.pdbx_description
1 polymer 'GLUCOSAMINE 6-PHOSPHATE SYNTHASE'
2 non-polymer 6-O-phosphono-alpha-D-glucopyranose
3 water water
#
_entity_poly.entity_id   1
_entity_poly.type   'polypeptide(L)'
_entity_poly.pdbx_seq_one_letter_code
;DAGDKGIYRHYMQKEIYEQPNAIKNTLTGRISHGQVDLSELGPNADELLSKVEHIQILACGTSYNSGMVSRYWFESLAGI
PCDVEIASEFRYRKSAVRRNSLMITLSQSGETADTLAGLRLSKELGYLGSLAICNVPGSSLVRESDLALMTNAGTEIGVA
STKAFTTQLTVLLMLVAKLSRLKGLDASIEHDIVHGLQALPSRIEQMLSQDKRIEALAEDFSDKHHALFLGRGDQYPIAL
EGALKLKEISYIHAEAYAAGELKHGPLALIDADMPVIVVAPNNELLEKLKSNIEEVRARGGQLYVFADQDAGFVSSDNMH
IIEMPHVEEVIAPIFYTVPLQLLAYHVALIKGTDVDQPRNLAKSVTVE
;
_entity_poly.pdbx_strand_id   A
#
loop_
_chem_comp.id
_chem_comp.type
_chem_comp.name
_chem_comp.formula
G6P D-saccharide, alpha linking 6-O-phosphono-alpha-D-glucopyranose 'C6 H13 O9 P'
#
# COMPACT_ATOMS: atom_id res chain seq x y z
N GLY A 3 -10.51 -16.46 -11.64
CA GLY A 3 -11.06 -17.83 -11.48
C GLY A 3 -10.24 -18.96 -12.06
N ASP A 4 -9.21 -18.70 -12.84
CA ASP A 4 -8.35 -19.73 -13.46
C ASP A 4 -6.89 -19.27 -13.47
N LYS A 5 -5.89 -20.15 -13.36
CA LYS A 5 -4.52 -19.67 -13.30
C LYS A 5 -3.84 -19.44 -14.64
N GLY A 6 -4.19 -20.26 -15.63
CA GLY A 6 -3.58 -20.14 -16.96
C GLY A 6 -2.17 -20.71 -16.91
N ILE A 7 -1.21 -19.84 -17.21
CA ILE A 7 0.18 -20.32 -17.17
C ILE A 7 0.84 -20.19 -15.82
N TYR A 8 0.19 -19.47 -14.90
CA TYR A 8 0.71 -19.24 -13.57
C TYR A 8 0.62 -20.43 -12.62
N ARG A 9 1.58 -20.46 -11.70
CA ARG A 9 1.62 -21.54 -10.71
C ARG A 9 0.59 -21.30 -9.61
N HIS A 10 0.36 -20.05 -9.22
CA HIS A 10 -0.55 -19.73 -8.14
C HIS A 10 -1.40 -18.54 -8.57
N TYR A 11 -2.59 -18.43 -7.98
CA TYR A 11 -3.44 -17.29 -8.22
C TYR A 11 -2.70 -16.05 -7.74
N MET A 12 -1.98 -16.16 -6.61
CA MET A 12 -1.31 -14.95 -6.14
C MET A 12 -0.28 -14.49 -7.17
N GLN A 13 0.40 -15.42 -7.83
CA GLN A 13 1.41 -15.04 -8.83
C GLN A 13 0.69 -14.35 -10.02
N LYS A 14 -0.40 -15.00 -10.43
CA LYS A 14 -1.25 -14.47 -11.48
C LYS A 14 -1.72 -13.08 -11.12
N GLU A 15 -2.16 -12.86 -9.88
CA GLU A 15 -2.65 -11.57 -9.43
C GLU A 15 -1.58 -10.53 -9.37
N ILE A 16 -0.33 -10.92 -9.08
CA ILE A 16 0.75 -9.91 -9.07
C ILE A 16 0.99 -9.43 -10.52
N TYR A 17 1.09 -10.40 -11.44
CA TYR A 17 1.35 -10.15 -12.85
C TYR A 17 0.23 -9.41 -13.54
N GLU A 18 -1.00 -9.47 -13.04
CA GLU A 18 -2.15 -8.82 -13.58
C GLU A 18 -2.19 -7.35 -13.16
N GLN A 19 -1.29 -6.89 -12.31
CA GLN A 19 -1.37 -5.53 -11.86
C GLN A 19 -1.41 -4.44 -12.92
N PRO A 20 -0.62 -4.47 -13.96
CA PRO A 20 -0.62 -3.46 -15.03
C PRO A 20 -2.02 -3.32 -15.63
N ASN A 21 -2.61 -4.43 -15.98
CA ASN A 21 -3.94 -4.54 -16.53
C ASN A 21 -5.01 -4.16 -15.51
N ALA A 22 -4.90 -4.55 -14.25
CA ALA A 22 -5.93 -4.20 -13.28
C ALA A 22 -5.89 -2.69 -13.10
N ILE A 23 -4.71 -2.10 -13.06
CA ILE A 23 -4.62 -0.65 -12.92
C ILE A 23 -5.18 0.07 -14.15
N LYS A 24 -4.95 -0.51 -15.34
CA LYS A 24 -5.51 0.09 -16.55
C LYS A 24 -7.02 0.10 -16.41
N ASN A 25 -7.66 -0.99 -15.99
CA ASN A 25 -9.08 -1.05 -15.83
C ASN A 25 -9.64 -0.11 -14.77
N THR A 26 -8.90 0.23 -13.75
CA THR A 26 -9.41 1.11 -12.70
C THR A 26 -9.33 2.54 -13.17
N LEU A 27 -8.43 2.78 -14.12
CA LEU A 27 -8.21 4.13 -14.64
C LEU A 27 -9.19 4.50 -15.75
N THR A 28 -9.71 3.44 -16.38
CA THR A 28 -10.58 3.55 -17.51
C THR A 28 -11.88 4.27 -17.18
N GLY A 29 -12.01 5.46 -17.81
CA GLY A 29 -13.19 6.27 -17.66
C GLY A 29 -13.05 7.31 -16.59
N ARG A 30 -11.93 7.32 -15.88
CA ARG A 30 -11.86 8.29 -14.77
C ARG A 30 -10.88 9.37 -15.10
N ILE A 31 -10.31 9.15 -16.30
CA ILE A 31 -9.34 10.13 -16.78
C ILE A 31 -9.93 10.70 -18.08
N SER A 32 -10.27 11.98 -18.06
CA SER A 32 -10.87 12.65 -19.21
C SER A 32 -10.26 14.04 -19.40
N HIS A 33 -9.39 14.18 -20.39
CA HIS A 33 -8.75 15.42 -20.71
C HIS A 33 -7.64 15.88 -19.78
N GLY A 34 -6.85 14.96 -19.25
CA GLY A 34 -5.71 15.32 -18.38
C GLY A 34 -6.20 15.66 -16.97
N GLN A 35 -7.44 15.22 -16.72
CA GLN A 35 -8.11 15.48 -15.46
C GLN A 35 -8.93 14.30 -14.98
N VAL A 36 -9.12 14.27 -13.65
CA VAL A 36 -9.82 13.12 -13.10
C VAL A 36 -11.30 13.26 -13.32
N ASP A 37 -11.95 12.23 -13.75
CA ASP A 37 -13.39 12.23 -13.96
C ASP A 37 -14.09 11.27 -13.00
N LEU A 38 -14.62 11.78 -11.88
CA LEU A 38 -15.34 10.96 -10.91
C LEU A 38 -16.84 11.28 -10.93
N SER A 39 -17.34 11.46 -12.14
CA SER A 39 -18.74 11.79 -12.38
C SER A 39 -19.56 10.51 -12.39
N GLU A 40 -19.10 9.52 -11.62
CA GLU A 40 -19.83 8.26 -11.52
C GLU A 40 -20.45 8.21 -10.11
N LEU A 41 -19.94 9.08 -9.27
CA LEU A 41 -20.33 9.19 -7.87
C LEU A 41 -21.71 9.85 -7.79
N GLY A 42 -22.10 10.40 -8.93
CA GLY A 42 -23.38 11.10 -9.02
C GLY A 42 -23.08 12.60 -9.11
N PRO A 43 -24.16 13.34 -9.31
CA PRO A 43 -24.15 14.77 -9.52
C PRO A 43 -24.02 15.61 -8.26
N ASN A 44 -24.49 15.03 -7.16
CA ASN A 44 -24.45 15.74 -5.89
C ASN A 44 -23.07 15.60 -5.27
N ALA A 45 -22.39 14.54 -5.70
CA ALA A 45 -21.06 14.20 -5.24
C ALA A 45 -20.15 15.39 -4.97
N ASP A 46 -20.00 16.27 -5.95
CA ASP A 46 -19.10 17.40 -5.83
C ASP A 46 -19.47 18.35 -4.71
N GLU A 47 -20.76 18.38 -4.41
CA GLU A 47 -21.25 19.29 -3.36
C GLU A 47 -20.69 18.86 -2.01
N LEU A 48 -20.82 17.56 -1.78
CA LEU A 48 -20.33 16.92 -0.55
C LEU A 48 -18.82 17.07 -0.43
N LEU A 49 -18.10 16.49 -1.38
CA LEU A 49 -16.64 16.52 -1.40
C LEU A 49 -16.07 17.88 -1.18
N SER A 50 -16.78 18.89 -1.71
CA SER A 50 -16.30 20.27 -1.58
C SER A 50 -16.38 20.73 -0.13
N LYS A 51 -17.31 20.15 0.64
CA LYS A 51 -17.47 20.56 2.04
C LYS A 51 -16.48 19.91 2.98
N VAL A 52 -15.94 18.75 2.60
CA VAL A 52 -14.99 18.03 3.41
C VAL A 52 -13.82 18.82 3.96
N GLU A 53 -13.62 18.83 5.27
CA GLU A 53 -12.54 19.49 5.96
C GLU A 53 -11.63 18.47 6.66
N HIS A 54 -12.05 17.21 6.65
CA HIS A 54 -11.24 16.18 7.33
C HIS A 54 -11.62 14.85 6.72
N ILE A 55 -10.63 13.95 6.65
CA ILE A 55 -10.95 12.62 6.10
C ILE A 55 -10.54 11.59 7.19
N GLN A 56 -11.40 10.63 7.40
CA GLN A 56 -11.17 9.57 8.36
C GLN A 56 -11.20 8.27 7.57
N ILE A 57 -10.13 7.48 7.66
CA ILE A 57 -10.18 6.22 6.92
C ILE A 57 -10.21 5.08 7.93
N LEU A 58 -10.98 4.04 7.65
CA LEU A 58 -11.01 2.87 8.48
C LEU A 58 -10.75 1.64 7.63
N ALA A 59 -9.97 0.69 8.15
CA ALA A 59 -9.78 -0.53 7.37
C ALA A 59 -8.99 -1.55 8.21
N CYS A 60 -8.85 -2.74 7.68
CA CYS A 60 -8.06 -3.76 8.38
C CYS A 60 -7.00 -4.36 7.45
N GLY A 61 -5.98 -5.00 8.00
CA GLY A 61 -5.02 -5.74 7.23
C GLY A 61 -4.30 -4.89 6.16
N THR A 62 -4.26 -5.48 4.97
CA THR A 62 -3.53 -4.79 3.86
C THR A 62 -4.25 -3.50 3.51
N SER A 63 -5.59 -3.46 3.64
CA SER A 63 -6.36 -2.27 3.37
C SER A 63 -6.00 -1.13 4.27
N TYR A 64 -5.50 -1.34 5.47
CA TYR A 64 -5.08 -0.27 6.35
C TYR A 64 -3.77 0.32 5.82
N ASN A 65 -2.95 -0.58 5.24
CA ASN A 65 -1.64 -0.15 4.71
C ASN A 65 -1.85 0.87 3.56
N SER A 66 -2.80 0.58 2.68
CA SER A 66 -3.10 1.55 1.59
C SER A 66 -3.66 2.85 2.12
N GLY A 67 -4.58 2.79 3.09
CA GLY A 67 -5.10 4.02 3.68
C GLY A 67 -3.97 4.81 4.29
N MET A 68 -2.99 4.14 4.91
CA MET A 68 -1.87 4.88 5.51
C MET A 68 -1.02 5.64 4.46
N VAL A 69 -0.90 5.06 3.27
CA VAL A 69 -0.12 5.71 2.22
C VAL A 69 -0.86 7.01 1.86
N SER A 70 -2.13 6.82 1.57
CA SER A 70 -3.03 7.90 1.20
C SER A 70 -3.05 9.04 2.17
N ARG A 71 -2.88 8.83 3.46
CA ARG A 71 -2.81 9.92 4.41
C ARG A 71 -1.67 10.87 4.07
N TYR A 72 -0.53 10.35 3.58
CA TYR A 72 0.58 11.28 3.26
C TYR A 72 0.19 12.19 2.08
N TRP A 73 -0.48 11.63 1.11
CA TRP A 73 -0.97 12.23 -0.10
C TRP A 73 -2.04 13.28 0.21
N PHE A 74 -3.06 12.90 0.96
CA PHE A 74 -4.10 13.86 1.32
C PHE A 74 -3.51 15.03 2.05
N GLU A 75 -2.63 14.95 2.99
CA GLU A 75 -2.15 16.12 3.68
C GLU A 75 -1.21 16.97 2.88
N SER A 76 -0.32 16.33 2.11
CA SER A 76 0.69 17.12 1.41
C SER A 76 0.18 17.62 0.06
N LEU A 77 -0.66 16.89 -0.64
CA LEU A 77 -1.09 17.29 -1.94
C LEU A 77 -2.39 18.06 -1.93
N ALA A 78 -3.42 17.60 -1.24
CA ALA A 78 -4.70 18.27 -1.18
C ALA A 78 -4.82 19.14 0.06
N GLY A 79 -3.84 19.18 0.93
CA GLY A 79 -3.83 19.96 2.14
C GLY A 79 -4.93 19.69 3.16
N ILE A 80 -5.64 18.58 3.08
CA ILE A 80 -6.71 18.18 3.96
C ILE A 80 -6.24 17.19 5.03
N PRO A 81 -6.53 17.44 6.28
CA PRO A 81 -6.17 16.64 7.43
C PRO A 81 -6.72 15.23 7.29
N CYS A 82 -5.89 14.21 7.53
CA CYS A 82 -6.38 12.85 7.35
C CYS A 82 -5.98 11.97 8.53
N ASP A 83 -6.88 11.10 8.92
CA ASP A 83 -6.60 10.13 9.98
C ASP A 83 -7.02 8.76 9.48
N VAL A 84 -6.14 7.77 9.76
CA VAL A 84 -6.38 6.40 9.34
C VAL A 84 -6.43 5.55 10.63
N GLU A 85 -7.41 4.68 10.75
CA GLU A 85 -7.45 3.87 11.97
C GLU A 85 -7.80 2.44 11.72
N ILE A 86 -7.19 1.51 12.50
CA ILE A 86 -7.55 0.09 12.38
C ILE A 86 -9.06 -0.01 12.71
N ALA A 87 -9.86 -0.64 11.90
CA ALA A 87 -11.29 -0.69 12.10
C ALA A 87 -11.67 -1.25 13.47
N SER A 88 -11.06 -2.30 13.94
CA SER A 88 -11.36 -2.91 15.24
C SER A 88 -11.09 -1.94 16.36
N GLU A 89 -10.09 -1.07 16.25
CA GLU A 89 -9.82 -0.09 17.28
C GLU A 89 -10.87 1.03 17.31
N PHE A 90 -11.28 1.46 16.12
CA PHE A 90 -12.24 2.53 16.02
C PHE A 90 -13.59 2.13 16.66
N ARG A 91 -14.06 0.94 16.31
CA ARG A 91 -15.34 0.47 16.74
C ARG A 91 -15.45 0.19 18.23
N TYR A 92 -14.39 0.06 19.01
CA TYR A 92 -14.49 -0.19 20.43
C TYR A 92 -14.15 1.02 21.25
N ARG A 93 -13.94 2.20 20.68
CA ARG A 93 -13.60 3.34 21.52
C ARG A 93 -14.59 4.48 21.27
N LYS A 94 -14.56 5.43 22.18
CA LYS A 94 -15.36 6.65 22.09
C LYS A 94 -14.47 7.70 21.39
N SER A 95 -14.78 7.98 20.13
CA SER A 95 -13.96 8.95 19.42
C SER A 95 -14.55 10.35 19.41
N ALA A 96 -13.67 11.30 19.17
CA ALA A 96 -14.08 12.71 19.04
C ALA A 96 -14.38 12.89 17.55
N VAL A 97 -15.58 13.27 17.14
CA VAL A 97 -15.89 13.46 15.72
C VAL A 97 -15.28 14.81 15.28
N ARG A 98 -14.80 14.82 14.05
CA ARG A 98 -14.17 16.02 13.49
C ARG A 98 -15.22 16.82 12.69
N ARG A 99 -15.01 18.13 12.63
CA ARG A 99 -15.99 18.94 11.87
C ARG A 99 -15.88 18.59 10.40
N ASN A 100 -17.00 18.36 9.76
CA ASN A 100 -17.11 18.09 8.34
C ASN A 100 -16.19 16.98 7.88
N SER A 101 -16.17 15.91 8.65
CA SER A 101 -15.36 14.77 8.37
C SER A 101 -16.02 13.86 7.35
N LEU A 102 -15.26 13.43 6.34
CA LEU A 102 -15.77 12.42 5.41
C LEU A 102 -15.21 11.04 5.87
N MET A 103 -16.03 10.02 5.90
CA MET A 103 -15.62 8.69 6.31
C MET A 103 -15.38 7.83 5.08
N ILE A 104 -14.14 7.29 5.00
CA ILE A 104 -13.84 6.42 3.86
C ILE A 104 -13.52 5.05 4.44
N THR A 105 -14.04 3.99 3.85
CA THR A 105 -13.73 2.66 4.29
C THR A 105 -13.00 1.98 3.11
N LEU A 106 -11.97 1.19 3.38
CA LEU A 106 -11.24 0.52 2.31
C LEU A 106 -11.41 -0.97 2.51
N SER A 107 -11.85 -1.72 1.54
CA SER A 107 -11.97 -3.14 1.76
C SER A 107 -11.99 -3.88 0.45
N GLN A 108 -11.14 -4.92 0.31
CA GLN A 108 -11.18 -5.69 -0.93
C GLN A 108 -12.55 -6.38 -1.02
N SER A 109 -12.94 -7.13 0.00
CA SER A 109 -14.15 -7.90 0.04
C SER A 109 -15.44 -7.12 0.31
N GLY A 110 -15.39 -6.03 1.04
CA GLY A 110 -16.56 -5.25 1.39
C GLY A 110 -17.44 -5.98 2.42
N GLU A 111 -16.92 -7.00 3.08
CA GLU A 111 -17.65 -7.80 4.04
C GLU A 111 -16.94 -7.96 5.38
N THR A 112 -15.77 -7.38 5.56
CA THR A 112 -14.98 -7.43 6.76
C THR A 112 -15.80 -6.89 7.94
N ALA A 113 -16.05 -7.77 8.92
CA ALA A 113 -16.89 -7.39 10.06
C ALA A 113 -16.47 -6.14 10.77
N ASP A 114 -15.18 -5.96 11.15
CA ASP A 114 -14.88 -4.73 11.87
C ASP A 114 -15.02 -3.50 11.02
N THR A 115 -14.80 -3.63 9.72
CA THR A 115 -14.91 -2.43 8.87
C THR A 115 -16.36 -1.99 8.77
N LEU A 116 -17.24 -2.92 8.50
CA LEU A 116 -18.70 -2.68 8.41
C LEU A 116 -19.20 -2.05 9.72
N ALA A 117 -18.77 -2.66 10.84
CA ALA A 117 -19.14 -2.14 12.15
C ALA A 117 -18.72 -0.69 12.28
N GLY A 118 -17.51 -0.31 11.91
CA GLY A 118 -17.09 1.10 12.04
C GLY A 118 -17.96 2.00 11.16
N LEU A 119 -18.31 1.51 9.96
CA LEU A 119 -19.13 2.28 9.03
C LEU A 119 -20.45 2.66 9.73
N ARG A 120 -21.16 1.60 10.13
CA ARG A 120 -22.43 1.77 10.84
C ARG A 120 -22.32 2.71 12.03
N LEU A 121 -21.38 2.48 12.94
CA LEU A 121 -21.22 3.39 14.07
C LEU A 121 -21.07 4.84 13.64
N SER A 122 -20.34 5.04 12.54
CA SER A 122 -20.05 6.35 12.01
C SER A 122 -21.35 7.07 11.64
N LYS A 123 -22.38 6.31 11.28
CA LYS A 123 -23.66 6.91 10.90
C LYS A 123 -24.30 7.66 12.05
N GLU A 124 -24.09 7.13 13.26
CA GLU A 124 -24.59 7.73 14.47
C GLU A 124 -23.69 8.82 15.04
N LEU A 125 -22.53 9.06 14.46
CA LEU A 125 -21.58 10.00 15.00
C LEU A 125 -21.44 11.35 14.36
N GLY A 126 -22.11 11.68 13.26
CA GLY A 126 -21.98 12.99 12.66
C GLY A 126 -20.96 13.23 11.56
N TYR A 127 -20.68 12.18 10.81
CA TYR A 127 -19.75 12.30 9.68
C TYR A 127 -20.54 12.99 8.57
N LEU A 128 -19.98 13.86 7.76
CA LEU A 128 -20.69 14.48 6.64
C LEU A 128 -21.25 13.41 5.70
N GLY A 129 -20.55 12.29 5.55
CA GLY A 129 -21.01 11.25 4.62
C GLY A 129 -19.97 10.10 4.56
N SER A 130 -20.28 9.07 3.81
CA SER A 130 -19.40 7.91 3.75
C SER A 130 -19.06 7.53 2.33
N LEU A 131 -17.81 7.15 2.09
CA LEU A 131 -17.42 6.73 0.73
C LEU A 131 -16.72 5.37 0.86
N ALA A 132 -17.15 4.38 0.10
CA ALA A 132 -16.56 3.08 0.14
C ALA A 132 -15.63 2.83 -1.06
N ILE A 133 -14.42 2.36 -0.82
CA ILE A 133 -13.51 1.99 -1.91
C ILE A 133 -13.42 0.48 -1.76
N CYS A 134 -13.92 -0.27 -2.71
CA CYS A 134 -14.02 -1.69 -2.58
C CYS A 134 -13.88 -2.39 -3.90
N ASN A 135 -13.62 -3.67 -3.93
CA ASN A 135 -13.39 -4.42 -5.14
C ASN A 135 -14.49 -5.39 -5.50
N VAL A 136 -15.46 -5.48 -4.59
CA VAL A 136 -16.58 -6.39 -4.80
C VAL A 136 -17.88 -5.57 -4.83
N PRO A 137 -18.43 -5.51 -6.02
CA PRO A 137 -19.65 -4.79 -6.34
C PRO A 137 -20.84 -5.32 -5.53
N GLY A 138 -21.66 -4.43 -5.00
CA GLY A 138 -22.83 -4.86 -4.24
C GLY A 138 -22.58 -5.63 -2.96
N SER A 139 -21.45 -5.39 -2.30
CA SER A 139 -21.14 -6.05 -1.03
C SER A 139 -21.69 -5.16 0.06
N SER A 140 -21.74 -5.64 1.30
CA SER A 140 -22.30 -4.78 2.35
C SER A 140 -21.74 -3.40 2.44
N LEU A 141 -20.41 -3.23 2.41
CA LEU A 141 -19.86 -1.89 2.58
C LEU A 141 -20.28 -0.95 1.45
N VAL A 142 -20.44 -1.60 0.29
CA VAL A 142 -20.81 -0.85 -0.92
C VAL A 142 -22.28 -0.43 -0.72
N ARG A 143 -23.09 -1.44 -0.40
CA ARG A 143 -24.51 -1.17 -0.16
C ARG A 143 -24.77 -0.13 0.91
N GLU A 144 -24.10 -0.13 2.05
CA GLU A 144 -24.46 0.84 3.09
C GLU A 144 -23.73 2.15 3.09
N SER A 145 -22.91 2.41 2.07
CA SER A 145 -22.13 3.67 2.07
C SER A 145 -22.88 4.68 1.23
N ASP A 146 -22.67 5.96 1.44
CA ASP A 146 -23.34 6.96 0.61
C ASP A 146 -22.83 6.88 -0.83
N LEU A 147 -21.51 6.99 -0.96
CA LEU A 147 -20.80 6.93 -2.23
C LEU A 147 -19.91 5.69 -2.33
N ALA A 148 -19.58 5.27 -3.54
CA ALA A 148 -18.72 4.14 -3.74
C ALA A 148 -17.90 4.20 -5.03
N LEU A 149 -16.60 3.95 -4.91
CA LEU A 149 -15.70 3.92 -6.05
C LEU A 149 -15.16 2.50 -6.19
N MET A 150 -15.52 1.69 -7.14
CA MET A 150 -14.97 0.36 -7.24
C MET A 150 -13.56 0.34 -7.80
N THR A 151 -12.72 -0.58 -7.31
CA THR A 151 -11.34 -0.61 -7.80
C THR A 151 -11.30 -1.34 -9.12
N ASN A 152 -12.22 -2.25 -9.41
CA ASN A 152 -12.22 -2.97 -10.67
C ASN A 152 -10.97 -3.77 -11.03
N ALA A 153 -10.37 -4.46 -10.08
CA ALA A 153 -9.17 -5.24 -10.30
C ALA A 153 -9.51 -6.65 -10.74
N GLY A 154 -10.81 -6.97 -10.69
CA GLY A 154 -11.22 -8.35 -10.99
C GLY A 154 -11.12 -9.22 -9.72
N THR A 155 -11.63 -10.44 -9.74
CA THR A 155 -11.60 -11.33 -8.60
C THR A 155 -10.18 -11.63 -8.10
N GLU A 156 -10.05 -11.50 -6.79
CA GLU A 156 -8.76 -11.81 -6.16
C GLU A 156 -8.95 -13.05 -5.32
N ILE A 157 -8.32 -14.12 -5.72
CA ILE A 157 -8.41 -15.41 -5.05
C ILE A 157 -7.34 -15.64 -4.01
N GLY A 158 -6.10 -15.23 -4.27
CA GLY A 158 -5.04 -15.44 -3.27
C GLY A 158 -5.49 -14.81 -1.93
N VAL A 159 -5.21 -15.55 -0.83
CA VAL A 159 -5.58 -15.05 0.49
C VAL A 159 -4.90 -13.76 0.83
N ALA A 160 -3.65 -13.56 0.40
CA ALA A 160 -2.93 -12.31 0.64
C ALA A 160 -3.24 -11.38 -0.54
N SER A 161 -3.61 -10.13 -0.33
CA SER A 161 -3.95 -9.17 -1.33
C SER A 161 -2.76 -8.55 -2.07
N THR A 162 -2.91 -8.49 -3.40
CA THR A 162 -1.89 -7.87 -4.25
C THR A 162 -2.51 -6.81 -5.13
N LYS A 163 -3.16 -7.23 -6.23
CA LYS A 163 -3.78 -6.24 -7.12
C LYS A 163 -4.86 -5.43 -6.44
N ALA A 164 -5.50 -5.98 -5.41
CA ALA A 164 -6.50 -5.14 -4.71
C ALA A 164 -5.83 -4.00 -4.00
N PHE A 165 -4.60 -4.14 -3.56
CA PHE A 165 -3.90 -3.07 -2.84
C PHE A 165 -3.43 -1.96 -3.76
N THR A 166 -2.81 -2.37 -4.89
CA THR A 166 -2.28 -1.41 -5.86
C THR A 166 -3.43 -0.63 -6.52
N THR A 167 -4.56 -1.31 -6.80
CA THR A 167 -5.71 -0.61 -7.36
C THR A 167 -6.35 0.27 -6.30
N GLN A 168 -6.35 -0.06 -5.01
CA GLN A 168 -6.88 0.85 -4.01
C GLN A 168 -5.99 2.09 -4.00
N LEU A 169 -4.68 1.97 -4.09
CA LEU A 169 -3.82 3.17 -4.04
C LEU A 169 -4.07 4.07 -5.28
N THR A 170 -4.35 3.42 -6.40
CA THR A 170 -4.65 4.18 -7.63
C THR A 170 -5.89 5.04 -7.46
N VAL A 171 -6.96 4.40 -7.01
CA VAL A 171 -8.22 5.07 -6.71
C VAL A 171 -8.02 6.15 -5.67
N LEU A 172 -7.27 6.01 -4.59
CA LEU A 172 -7.09 7.08 -3.62
C LEU A 172 -6.37 8.26 -4.21
N LEU A 173 -5.43 7.94 -5.12
CA LEU A 173 -4.65 9.00 -5.78
C LEU A 173 -5.59 9.82 -6.69
N MET A 174 -6.52 9.18 -7.37
CA MET A 174 -7.54 9.91 -8.15
C MET A 174 -8.37 10.82 -7.23
N LEU A 175 -8.77 10.33 -6.06
CA LEU A 175 -9.53 11.11 -5.10
C LEU A 175 -8.70 12.26 -4.58
N VAL A 176 -7.41 12.14 -4.38
CA VAL A 176 -6.58 13.24 -3.92
C VAL A 176 -6.56 14.35 -5.00
N ALA A 177 -6.52 13.95 -6.27
CA ALA A 177 -6.48 14.90 -7.39
C ALA A 177 -7.77 15.73 -7.43
N LYS A 178 -8.88 15.03 -7.51
CA LYS A 178 -10.21 15.64 -7.49
C LYS A 178 -10.38 16.63 -6.36
N LEU A 179 -10.03 16.32 -5.13
CA LEU A 179 -10.13 17.23 -4.03
C LEU A 179 -9.13 18.35 -4.15
N SER A 180 -7.94 18.16 -4.71
CA SER A 180 -7.01 19.31 -4.73
C SER A 180 -7.68 20.40 -5.61
N ARG A 181 -8.47 19.89 -6.56
CA ARG A 181 -9.20 20.75 -7.49
C ARG A 181 -10.35 21.44 -6.77
N LEU A 182 -11.34 20.70 -6.25
CA LEU A 182 -12.42 21.28 -5.51
C LEU A 182 -11.94 22.26 -4.44
N LYS A 183 -10.76 22.24 -3.92
CA LYS A 183 -10.30 23.17 -2.90
C LYS A 183 -9.59 24.31 -3.62
N GLY A 184 -9.64 24.21 -4.95
CA GLY A 184 -8.99 25.18 -5.82
C GLY A 184 -7.50 25.33 -5.58
N LEU A 185 -6.76 24.23 -5.71
CA LEU A 185 -5.30 24.32 -5.53
C LEU A 185 -4.69 24.40 -6.94
N ASP A 186 -3.41 24.69 -7.05
CA ASP A 186 -2.82 24.76 -8.40
C ASP A 186 -3.24 23.53 -9.20
N ALA A 187 -3.67 23.77 -10.44
CA ALA A 187 -4.08 22.65 -11.29
C ALA A 187 -2.88 21.78 -11.65
N SER A 188 -1.69 22.27 -11.32
CA SER A 188 -0.48 21.48 -11.56
C SER A 188 -0.60 20.16 -10.79
N ILE A 189 -0.98 20.31 -9.50
CA ILE A 189 -1.17 19.12 -8.68
C ILE A 189 -2.02 18.11 -9.41
N GLU A 190 -3.21 18.40 -9.88
CA GLU A 190 -3.93 17.32 -10.55
C GLU A 190 -3.24 16.78 -11.78
N HIS A 191 -2.54 17.64 -12.52
CA HIS A 191 -1.92 17.21 -13.77
C HIS A 191 -0.76 16.27 -13.48
N ASP A 192 0.09 16.61 -12.51
CA ASP A 192 1.17 15.67 -12.14
C ASP A 192 0.67 14.28 -11.78
N ILE A 193 -0.43 14.25 -11.01
CA ILE A 193 -1.02 12.98 -10.59
C ILE A 193 -1.52 12.20 -11.77
N VAL A 194 -2.21 12.93 -12.68
CA VAL A 194 -2.76 12.27 -13.88
C VAL A 194 -1.65 11.73 -14.78
N HIS A 195 -0.57 12.50 -14.89
CA HIS A 195 0.54 11.99 -15.74
C HIS A 195 1.13 10.75 -15.07
N GLY A 196 1.40 10.86 -13.77
CA GLY A 196 1.95 9.71 -13.03
C GLY A 196 1.05 8.51 -13.23
N LEU A 197 -0.26 8.69 -13.09
CA LEU A 197 -1.18 7.58 -13.26
C LEU A 197 -1.14 7.01 -14.65
N GLN A 198 -0.92 7.90 -15.63
CA GLN A 198 -0.91 7.42 -17.02
C GLN A 198 0.34 6.59 -17.28
N ALA A 199 1.44 6.97 -16.64
CA ALA A 199 2.66 6.21 -16.72
C ALA A 199 2.59 4.91 -15.90
N LEU A 200 1.81 4.82 -14.85
CA LEU A 200 1.77 3.69 -13.96
C LEU A 200 1.75 2.30 -14.51
N PRO A 201 0.84 1.92 -15.35
CA PRO A 201 0.74 0.60 -15.88
C PRO A 201 2.02 0.07 -16.49
N SER A 202 2.81 0.92 -17.16
CA SER A 202 4.06 0.43 -17.77
C SER A 202 5.22 0.56 -16.83
N ARG A 203 5.17 1.40 -15.79
CA ARG A 203 6.22 1.39 -14.78
C ARG A 203 6.17 0.00 -14.09
N ILE A 204 4.95 -0.49 -13.90
CA ILE A 204 4.79 -1.79 -13.25
C ILE A 204 5.19 -2.90 -14.18
N GLU A 205 4.91 -2.76 -15.47
CA GLU A 205 5.34 -3.83 -16.41
C GLU A 205 6.88 -3.74 -16.39
N GLN A 206 7.39 -2.53 -16.20
CA GLN A 206 8.84 -2.35 -16.10
C GLN A 206 9.39 -3.10 -14.88
N MET A 207 8.73 -2.94 -13.74
CA MET A 207 9.15 -3.63 -12.52
C MET A 207 8.99 -5.13 -12.65
N LEU A 208 7.95 -5.65 -13.29
CA LEU A 208 7.77 -7.08 -13.42
C LEU A 208 8.90 -7.72 -14.20
N SER A 209 9.61 -6.89 -14.97
CA SER A 209 10.70 -7.45 -15.78
C SER A 209 11.96 -7.66 -14.95
N GLN A 210 12.07 -7.11 -13.75
CA GLN A 210 13.20 -7.37 -12.88
C GLN A 210 12.95 -8.64 -12.06
N ASP A 211 11.85 -9.34 -12.31
CA ASP A 211 11.53 -10.53 -11.52
C ASP A 211 12.72 -11.42 -11.24
N LYS A 212 13.55 -11.73 -12.24
CA LYS A 212 14.68 -12.63 -11.99
C LYS A 212 15.62 -12.02 -10.98
N ARG A 213 15.73 -10.70 -10.89
CA ARG A 213 16.65 -10.16 -9.89
C ARG A 213 16.09 -10.36 -8.47
N ILE A 214 14.77 -10.32 -8.36
CA ILE A 214 14.12 -10.47 -7.04
C ILE A 214 14.22 -11.95 -6.65
N GLU A 215 14.04 -12.83 -7.63
CA GLU A 215 14.18 -14.28 -7.38
C GLU A 215 15.54 -14.55 -6.79
N ALA A 216 16.58 -13.94 -7.31
CA ALA A 216 17.92 -14.13 -6.77
C ALA A 216 18.03 -13.59 -5.37
N LEU A 217 17.49 -12.43 -5.08
CA LEU A 217 17.56 -11.88 -3.72
C LEU A 217 16.84 -12.78 -2.70
N ALA A 218 15.76 -13.43 -3.09
CA ALA A 218 14.95 -14.28 -2.22
C ALA A 218 15.80 -15.35 -1.61
N GLU A 219 16.84 -15.80 -2.30
CA GLU A 219 17.70 -16.84 -1.78
C GLU A 219 18.34 -16.40 -0.49
N ASP A 220 18.61 -15.13 -0.32
CA ASP A 220 19.29 -14.69 0.88
C ASP A 220 18.34 -14.65 2.08
N PHE A 221 17.06 -14.69 1.81
CA PHE A 221 16.10 -14.49 2.90
C PHE A 221 15.44 -15.81 3.25
N SER A 222 15.58 -16.78 2.38
CA SER A 222 14.87 -18.03 2.56
C SER A 222 15.17 -18.77 3.83
N ASP A 223 16.29 -18.62 4.49
CA ASP A 223 16.58 -19.37 5.72
C ASP A 223 16.61 -18.45 6.94
N LYS A 224 16.15 -17.23 6.81
CA LYS A 224 16.16 -16.31 7.95
C LYS A 224 14.85 -16.41 8.73
N HIS A 225 14.96 -16.15 10.02
CA HIS A 225 13.77 -16.22 10.87
C HIS A 225 13.23 -14.85 11.23
N HIS A 226 13.92 -13.79 10.93
CA HIS A 226 13.44 -12.46 11.22
C HIS A 226 13.81 -11.53 10.01
N ALA A 227 13.20 -10.39 9.97
CA ALA A 227 13.48 -9.38 8.94
C ALA A 227 12.96 -8.08 9.52
N LEU A 228 13.64 -7.00 9.24
CA LEU A 228 13.20 -5.66 9.64
C LEU A 228 12.96 -4.80 8.39
N PHE A 229 11.82 -4.26 8.09
CA PHE A 229 11.53 -3.40 6.95
C PHE A 229 11.45 -1.96 7.40
N LEU A 230 12.20 -1.05 6.79
CA LEU A 230 12.22 0.34 7.16
C LEU A 230 11.75 1.25 6.01
N GLY A 231 11.11 2.32 6.34
CA GLY A 231 10.62 3.26 5.35
C GLY A 231 10.36 4.59 6.05
N ARG A 232 10.38 5.68 5.30
CA ARG A 232 10.10 7.02 5.80
C ARG A 232 9.00 7.62 4.95
N GLY A 233 8.11 8.38 5.54
CA GLY A 233 7.04 9.02 4.80
C GLY A 233 6.16 8.11 4.02
N ASP A 234 5.84 8.44 2.77
CA ASP A 234 4.94 7.66 1.97
C ASP A 234 5.44 6.25 1.72
N GLN A 235 6.70 6.01 2.04
CA GLN A 235 7.19 4.65 1.84
C GLN A 235 7.09 3.82 3.16
N TYR A 236 6.82 4.48 4.28
CA TYR A 236 6.71 3.75 5.57
C TYR A 236 5.63 2.73 5.50
N PRO A 237 4.46 3.06 5.00
CA PRO A 237 3.39 2.11 4.85
C PRO A 237 3.71 1.03 3.84
N ILE A 238 4.66 1.29 2.95
CA ILE A 238 5.03 0.29 1.94
C ILE A 238 5.95 -0.74 2.65
N ALA A 239 6.75 -0.26 3.59
CA ALA A 239 7.52 -1.15 4.46
C ALA A 239 6.52 -1.98 5.29
N LEU A 240 5.43 -1.43 5.80
CA LEU A 240 4.41 -2.14 6.52
C LEU A 240 3.85 -3.28 5.68
N GLU A 241 3.46 -3.03 4.42
CA GLU A 241 2.93 -4.07 3.56
C GLU A 241 3.95 -5.13 3.19
N GLY A 242 5.21 -4.73 3.05
CA GLY A 242 6.27 -5.65 2.74
C GLY A 242 6.49 -6.64 3.91
N ALA A 243 6.54 -6.12 5.12
CA ALA A 243 6.70 -6.99 6.31
C ALA A 243 5.48 -7.90 6.46
N LEU A 244 4.29 -7.37 6.22
CA LEU A 244 3.05 -8.15 6.30
C LEU A 244 3.10 -9.27 5.30
N LYS A 245 3.51 -9.02 4.05
CA LYS A 245 3.59 -10.12 3.07
C LYS A 245 4.57 -11.19 3.48
N LEU A 246 5.73 -10.85 4.04
CA LEU A 246 6.68 -11.89 4.47
C LEU A 246 6.05 -12.71 5.59
N LYS A 247 5.33 -12.09 6.51
CA LYS A 247 4.62 -12.81 7.57
C LYS A 247 3.59 -13.77 6.96
N GLU A 248 2.74 -13.25 6.08
CA GLU A 248 1.64 -13.99 5.50
C GLU A 248 2.00 -15.24 4.75
N ILE A 249 2.91 -15.16 3.76
CA ILE A 249 3.12 -16.36 2.94
C ILE A 249 4.43 -17.06 3.13
N SER A 250 5.37 -16.44 3.84
CA SER A 250 6.62 -17.15 4.09
C SER A 250 6.76 -17.52 5.55
N TYR A 251 5.91 -17.00 6.41
CA TYR A 251 5.92 -17.24 7.83
C TYR A 251 7.20 -16.78 8.48
N ILE A 252 7.87 -15.76 8.01
CA ILE A 252 9.07 -15.23 8.62
C ILE A 252 8.62 -14.11 9.54
N HIS A 253 9.22 -13.95 10.71
CA HIS A 253 8.87 -12.87 11.61
C HIS A 253 9.50 -11.55 11.13
N ALA A 254 8.85 -10.99 10.13
CA ALA A 254 9.26 -9.71 9.55
C ALA A 254 8.50 -8.60 10.25
N GLU A 255 9.12 -7.53 10.65
CA GLU A 255 8.47 -6.41 11.29
C GLU A 255 8.86 -5.10 10.59
N ALA A 256 7.94 -4.14 10.43
CA ALA A 256 8.23 -2.87 9.80
C ALA A 256 8.40 -1.81 10.86
N TYR A 257 9.21 -0.82 10.59
CA TYR A 257 9.50 0.21 11.56
C TYR A 257 9.75 1.51 10.84
N ALA A 258 9.42 2.64 11.44
CA ALA A 258 9.69 3.93 10.78
C ALA A 258 11.20 4.06 10.76
N ALA A 259 11.81 4.45 9.67
CA ALA A 259 13.28 4.46 9.59
C ALA A 259 13.92 5.30 10.65
N GLY A 260 13.31 6.38 11.07
CA GLY A 260 13.92 7.23 12.07
C GLY A 260 13.91 6.62 13.47
N GLU A 261 13.16 5.55 13.66
CA GLU A 261 13.07 4.92 14.98
C GLU A 261 14.00 3.76 15.16
N LEU A 262 14.76 3.37 14.14
CA LEU A 262 15.69 2.26 14.24
C LEU A 262 16.55 2.39 15.47
N LYS A 263 17.13 3.54 15.71
CA LYS A 263 18.02 3.70 16.85
C LYS A 263 17.33 3.67 18.22
N HIS A 264 16.03 3.86 18.24
CA HIS A 264 15.30 3.90 19.51
C HIS A 264 14.89 2.53 20.03
N GLY A 265 15.31 1.43 19.46
CA GLY A 265 15.00 0.12 19.90
C GLY A 265 15.52 -1.05 19.11
N PRO A 266 15.01 -1.26 17.92
CA PRO A 266 15.32 -2.39 17.10
C PRO A 266 16.77 -2.57 16.76
N LEU A 267 17.62 -1.55 16.81
CA LEU A 267 19.03 -1.70 16.49
C LEU A 267 19.67 -2.74 17.40
N ALA A 268 19.23 -2.85 18.65
CA ALA A 268 19.79 -3.86 19.57
C ALA A 268 19.52 -5.28 19.16
N LEU A 269 18.59 -5.57 18.26
CA LEU A 269 18.25 -6.86 17.79
C LEU A 269 19.03 -7.37 16.57
N ILE A 270 19.54 -6.49 15.73
CA ILE A 270 20.11 -6.81 14.45
C ILE A 270 21.33 -7.73 14.54
N ASP A 271 21.24 -8.79 13.77
CA ASP A 271 22.36 -9.67 13.62
C ASP A 271 22.20 -10.34 12.26
N ALA A 272 22.98 -11.37 11.98
CA ALA A 272 22.96 -12.06 10.74
C ALA A 272 21.65 -12.73 10.38
N ASP A 273 20.87 -12.98 11.40
CA ASP A 273 19.56 -13.62 11.21
C ASP A 273 18.47 -12.59 11.08
N MET A 274 18.76 -11.31 11.05
CA MET A 274 17.72 -10.35 10.85
C MET A 274 18.12 -9.31 9.80
N PRO A 275 18.01 -9.63 8.55
CA PRO A 275 18.35 -8.69 7.47
C PRO A 275 17.47 -7.47 7.56
N VAL A 276 17.94 -6.28 7.25
CA VAL A 276 17.22 -5.06 7.23
C VAL A 276 16.93 -4.62 5.81
N ILE A 277 15.72 -4.34 5.42
CA ILE A 277 15.39 -3.85 4.08
C ILE A 277 14.96 -2.42 4.15
N VAL A 278 15.48 -1.50 3.34
CA VAL A 278 15.06 -0.10 3.37
C VAL A 278 14.34 0.19 2.03
N VAL A 279 13.18 0.81 2.03
CA VAL A 279 12.42 1.05 0.84
C VAL A 279 12.59 2.51 0.37
N ALA A 280 13.29 2.64 -0.75
CA ALA A 280 13.53 3.89 -1.41
C ALA A 280 13.97 5.06 -0.59
N PRO A 281 15.09 5.00 0.08
CA PRO A 281 15.55 6.08 0.89
C PRO A 281 16.18 7.18 0.02
N ASN A 282 16.25 8.38 0.55
CA ASN A 282 16.96 9.45 -0.15
C ASN A 282 18.38 9.38 0.41
N ASN A 283 19.29 10.18 -0.08
CA ASN A 283 20.67 10.17 0.32
C ASN A 283 20.86 10.48 1.78
N GLU A 284 20.14 11.44 2.31
CA GLU A 284 20.28 11.81 3.72
C GLU A 284 19.88 10.68 4.67
N LEU A 285 18.81 9.98 4.38
CA LEU A 285 18.33 8.84 5.14
C LEU A 285 19.33 7.69 5.01
N LEU A 286 19.77 7.37 3.79
CA LEU A 286 20.74 6.31 3.59
C LEU A 286 21.98 6.57 4.41
N GLU A 287 22.41 7.82 4.47
CA GLU A 287 23.60 8.16 5.25
C GLU A 287 23.39 7.76 6.71
N LYS A 288 22.23 8.09 7.25
CA LYS A 288 21.97 7.76 8.65
C LYS A 288 21.92 6.24 8.83
N LEU A 289 21.18 5.56 7.99
CA LEU A 289 21.05 4.12 8.14
C LEU A 289 22.36 3.40 7.97
N LYS A 290 23.24 3.90 7.09
CA LYS A 290 24.52 3.23 6.85
C LYS A 290 25.34 3.28 8.14
N SER A 291 25.26 4.45 8.78
CA SER A 291 25.97 4.62 10.05
C SER A 291 25.39 3.65 11.10
N ASN A 292 24.08 3.46 11.14
CA ASN A 292 23.49 2.54 12.13
C ASN A 292 23.90 1.11 11.85
N ILE A 293 23.86 0.65 10.62
CA ILE A 293 24.22 -0.71 10.30
C ILE A 293 25.69 -0.92 10.60
N GLU A 294 26.50 0.14 10.55
CA GLU A 294 27.93 -0.04 10.82
C GLU A 294 28.13 -0.45 12.28
N GLU A 295 27.28 0.10 13.14
CA GLU A 295 27.34 -0.23 14.57
C GLU A 295 27.05 -1.70 14.83
N VAL A 296 26.39 -2.44 13.96
CA VAL A 296 26.06 -3.83 14.20
C VAL A 296 26.78 -4.75 13.22
N ARG A 297 27.86 -4.23 12.62
CA ARG A 297 28.67 -5.00 11.68
C ARG A 297 29.30 -6.23 12.34
N ALA A 298 29.79 -6.12 13.57
CA ALA A 298 30.35 -7.26 14.30
C ALA A 298 29.37 -8.40 14.50
N ARG A 299 28.06 -8.12 14.42
CA ARG A 299 27.06 -9.19 14.57
C ARG A 299 26.56 -9.63 13.21
N GLY A 300 27.17 -9.10 12.15
CA GLY A 300 26.76 -9.46 10.80
C GLY A 300 25.49 -8.74 10.32
N GLY A 301 25.19 -7.52 10.73
CA GLY A 301 23.97 -6.90 10.23
C GLY A 301 24.20 -6.52 8.76
N GLN A 302 23.22 -6.78 7.92
CA GLN A 302 23.25 -6.44 6.51
C GLN A 302 22.06 -5.53 6.18
N LEU A 303 22.28 -4.57 5.35
CA LEU A 303 21.25 -3.64 4.87
C LEU A 303 20.97 -3.88 3.40
N TYR A 304 19.77 -4.11 2.94
CA TYR A 304 19.36 -4.30 1.58
C TYR A 304 18.54 -3.06 1.18
N VAL A 305 18.95 -2.30 0.19
CA VAL A 305 18.28 -1.07 -0.19
C VAL A 305 17.62 -1.09 -1.53
N PHE A 306 16.32 -0.89 -1.66
CA PHE A 306 15.64 -0.78 -2.96
C PHE A 306 15.74 0.71 -3.28
N ALA A 307 16.50 1.10 -4.31
CA ALA A 307 16.71 2.50 -4.59
C ALA A 307 16.66 2.81 -6.10
N ASP A 308 16.41 4.07 -6.36
CA ASP A 308 16.36 4.57 -7.75
C ASP A 308 17.78 4.53 -8.34
N GLN A 309 17.97 3.96 -9.51
CA GLN A 309 19.29 3.93 -10.15
C GLN A 309 19.94 5.32 -10.19
N ASP A 310 19.09 6.32 -10.41
CA ASP A 310 19.58 7.66 -10.48
C ASP A 310 20.13 8.18 -9.18
N ALA A 311 20.01 7.49 -8.05
CA ALA A 311 20.55 8.15 -6.83
C ALA A 311 22.05 7.94 -6.83
N GLY A 312 22.49 6.99 -7.64
CA GLY A 312 23.91 6.69 -7.71
C GLY A 312 24.50 6.12 -6.43
N PHE A 313 23.76 5.25 -5.77
CA PHE A 313 24.27 4.62 -4.54
C PHE A 313 25.15 3.44 -4.94
N VAL A 314 26.19 3.13 -4.13
CA VAL A 314 27.02 1.98 -4.44
C VAL A 314 27.03 0.95 -3.25
N SER A 315 26.94 -0.31 -3.62
CA SER A 315 26.98 -1.34 -2.62
C SER A 315 28.31 -1.31 -1.89
N SER A 316 28.27 -1.69 -0.65
CA SER A 316 29.41 -1.85 0.23
C SER A 316 29.34 -3.31 0.69
N ASP A 317 30.15 -3.64 1.70
CA ASP A 317 30.14 -5.06 2.10
C ASP A 317 28.87 -5.40 2.87
N ASN A 318 28.38 -4.52 3.73
CA ASN A 318 27.17 -4.90 4.47
C ASN A 318 26.02 -4.05 3.99
N MET A 319 26.15 -3.37 2.85
CA MET A 319 25.08 -2.55 2.29
C MET A 319 24.88 -2.90 0.84
N HIS A 320 23.80 -3.55 0.46
CA HIS A 320 23.54 -4.00 -0.85
C HIS A 320 22.53 -3.16 -1.58
N ILE A 321 22.88 -2.33 -2.56
CA ILE A 321 21.90 -1.56 -3.32
C ILE A 321 21.21 -2.39 -4.36
N ILE A 322 19.89 -2.43 -4.42
CA ILE A 322 19.15 -3.21 -5.41
C ILE A 322 18.50 -2.11 -6.28
N GLU A 323 19.18 -1.77 -7.36
CA GLU A 323 18.76 -0.69 -8.23
C GLU A 323 17.51 -0.99 -9.00
N MET A 324 16.68 0.07 -9.02
CA MET A 324 15.39 0.08 -9.67
C MET A 324 15.29 1.27 -10.65
N PRO A 325 14.54 1.10 -11.71
CA PRO A 325 14.28 2.13 -12.71
C PRO A 325 13.72 3.36 -12.03
N HIS A 326 14.03 4.52 -12.57
CA HIS A 326 13.52 5.77 -12.04
C HIS A 326 12.01 5.84 -12.29
N VAL A 327 11.29 6.49 -11.37
CA VAL A 327 9.83 6.53 -11.47
C VAL A 327 9.39 7.88 -10.95
N GLU A 328 8.22 8.29 -11.42
CA GLU A 328 7.64 9.57 -10.99
C GLU A 328 7.39 9.53 -9.48
N GLU A 329 7.73 10.53 -8.72
CA GLU A 329 7.56 10.59 -7.30
C GLU A 329 6.15 10.26 -6.82
N VAL A 330 5.12 10.76 -7.47
CA VAL A 330 3.77 10.54 -6.98
C VAL A 330 3.33 9.10 -6.95
N ILE A 331 3.79 8.23 -7.83
CA ILE A 331 3.36 6.87 -7.87
C ILE A 331 4.44 5.93 -7.29
N ALA A 332 5.48 6.52 -6.73
CA ALA A 332 6.57 5.71 -6.19
C ALA A 332 6.12 4.65 -5.20
N PRO A 333 5.26 4.99 -4.27
CA PRO A 333 4.77 4.02 -3.26
C PRO A 333 4.10 2.89 -3.96
N ILE A 334 3.37 3.06 -5.06
CA ILE A 334 2.75 1.93 -5.72
C ILE A 334 3.75 1.04 -6.43
N PHE A 335 4.75 1.67 -7.03
CA PHE A 335 5.79 0.98 -7.79
C PHE A 335 6.67 0.06 -6.89
N TYR A 336 7.11 0.60 -5.78
CA TYR A 336 7.94 -0.10 -4.82
C TYR A 336 7.23 -1.20 -4.07
N THR A 337 5.93 -1.35 -4.21
CA THR A 337 5.19 -2.42 -3.59
C THR A 337 5.52 -3.70 -4.35
N VAL A 338 5.60 -3.62 -5.67
CA VAL A 338 5.79 -4.81 -6.51
C VAL A 338 6.97 -5.66 -6.18
N PRO A 339 8.16 -5.14 -6.03
CA PRO A 339 9.36 -5.87 -5.67
C PRO A 339 9.15 -6.59 -4.33
N LEU A 340 8.43 -5.98 -3.39
CA LEU A 340 8.18 -6.57 -2.07
C LEU A 340 7.14 -7.66 -2.16
N GLN A 341 6.15 -7.61 -3.01
CA GLN A 341 5.24 -8.68 -3.25
C GLN A 341 5.99 -9.85 -3.87
N LEU A 342 6.87 -9.59 -4.84
CA LEU A 342 7.62 -10.65 -5.53
C LEU A 342 8.65 -11.27 -4.59
N LEU A 343 9.25 -10.46 -3.71
CA LEU A 343 10.22 -11.04 -2.76
C LEU A 343 9.53 -12.08 -1.87
N ALA A 344 8.38 -11.77 -1.30
CA ALA A 344 7.65 -12.68 -0.45
C ALA A 344 7.24 -13.90 -1.20
N TYR A 345 6.78 -13.73 -2.44
CA TYR A 345 6.36 -14.82 -3.30
C TYR A 345 7.49 -15.79 -3.59
N HIS A 346 8.67 -15.30 -3.94
CA HIS A 346 9.81 -16.16 -4.23
C HIS A 346 10.37 -16.86 -3.00
N VAL A 347 10.34 -16.18 -1.85
CA VAL A 347 10.79 -16.81 -0.60
C VAL A 347 9.80 -17.95 -0.35
N ALA A 348 8.50 -17.78 -0.50
CA ALA A 348 7.51 -18.82 -0.30
C ALA A 348 7.68 -19.98 -1.25
N LEU A 349 8.01 -19.71 -2.50
CA LEU A 349 8.25 -20.75 -3.49
C LEU A 349 9.47 -21.59 -3.12
N ILE A 350 10.51 -20.95 -2.61
CA ILE A 350 11.71 -21.71 -2.22
C ILE A 350 11.39 -22.63 -1.04
N LYS A 351 10.70 -22.10 -0.04
CA LYS A 351 10.33 -22.85 1.16
C LYS A 351 9.23 -23.84 0.84
N GLY A 352 8.43 -23.65 -0.21
CA GLY A 352 7.37 -24.55 -0.57
C GLY A 352 6.14 -24.39 0.36
N THR A 353 5.83 -23.21 0.80
CA THR A 353 4.70 -22.90 1.65
C THR A 353 3.48 -22.70 0.80
N ASP A 354 2.30 -22.82 1.41
CA ASP A 354 1.02 -22.72 0.70
C ASP A 354 0.74 -21.27 0.36
N VAL A 355 1.22 -20.79 -0.76
CA VAL A 355 1.04 -19.39 -1.13
C VAL A 355 -0.39 -18.94 -1.19
N ASP A 356 -1.27 -19.69 -1.86
CA ASP A 356 -2.65 -19.23 -2.04
C ASP A 356 -3.52 -19.36 -0.79
N GLN A 357 -3.19 -20.22 0.13
CA GLN A 357 -3.91 -20.45 1.37
C GLN A 357 -2.92 -20.66 2.51
N PRO A 358 -2.29 -19.61 2.92
CA PRO A 358 -1.29 -19.63 3.98
C PRO A 358 -1.94 -20.12 5.26
N ARG A 359 -1.22 -20.80 6.12
CA ARG A 359 -1.84 -21.34 7.33
C ARG A 359 -2.47 -20.24 8.20
N ASN A 360 -3.62 -20.58 8.75
CA ASN A 360 -4.38 -19.81 9.71
C ASN A 360 -4.93 -18.52 9.21
N LEU A 361 -4.87 -18.25 7.92
CA LEU A 361 -5.34 -16.94 7.40
C LEU A 361 -6.57 -17.12 6.55
N ALA A 362 -7.36 -16.05 6.38
CA ALA A 362 -8.56 -16.21 5.54
C ALA A 362 -8.67 -15.02 4.61
N LYS A 363 -9.39 -15.20 3.51
CA LYS A 363 -9.60 -14.10 2.57
C LYS A 363 -10.31 -12.91 3.17
N SER A 364 -11.41 -13.08 3.90
CA SER A 364 -12.08 -11.97 4.58
C SER A 364 -12.63 -12.50 5.92
N VAL A 365 -12.46 -11.71 6.95
CA VAL A 365 -12.98 -12.12 8.28
C VAL A 365 -14.33 -11.43 8.41
N THR A 366 -15.36 -12.18 8.04
CA THR A 366 -16.73 -11.68 8.00
C THR A 366 -17.52 -11.84 9.29
N VAL A 367 -16.91 -12.50 10.28
CA VAL A 367 -17.51 -12.73 11.55
C VAL A 367 -16.67 -12.22 12.73
N GLU A 368 -17.45 -11.92 13.76
CA GLU A 368 -16.91 -11.48 15.05
C GLU A 368 -17.11 -12.66 16.02
C1 G6P B . -7.85 -10.75 5.46
C2 G6P B . -7.02 -10.90 4.22
C3 G6P B . -6.15 -9.68 3.98
C4 G6P B . -6.96 -8.40 4.03
C5 G6P B . -7.78 -8.31 5.34
C6 G6P B . -8.80 -7.18 5.20
O1 G6P B . -6.98 -10.77 6.58
O2 G6P B . -6.22 -12.09 4.31
O3 G6P B . -5.55 -9.78 2.68
O4 G6P B . -6.23 -7.20 3.94
O5 G6P B . -8.47 -9.51 5.54
O6 G6P B . -9.83 -7.57 4.28
P G6P B . -10.61 -6.57 3.30
O1P G6P B . -11.35 -5.65 4.19
O2P G6P B . -11.40 -7.45 2.42
O3P G6P B . -9.67 -5.69 2.59
#